data_9FJN
#
_entry.id   9FJN
#
_entity_poly.entity_id   1
_entity_poly.type   'polypeptide(L)'
_entity_poly.pdbx_seq_one_letter_code
;SVKEGAQRKWAALKEKLG
;
_entity_poly.pdbx_strand_id   A
#
# COMPACT_ATOMS: atom_id res chain seq x y z
N SER A 1 -6.65 -12.57 -1.95
CA SER A 1 -5.91 -12.03 -3.08
C SER A 1 -6.01 -10.51 -3.11
N VAL A 2 -7.24 -10.00 -3.05
CA VAL A 2 -7.47 -8.56 -3.07
C VAL A 2 -6.72 -7.87 -1.94
N LYS A 3 -6.64 -8.53 -0.79
CA LYS A 3 -5.95 -7.98 0.37
C LYS A 3 -4.47 -7.78 0.08
N GLU A 4 -3.85 -8.78 -0.54
CA GLU A 4 -2.43 -8.70 -0.88
C GLU A 4 -2.14 -7.47 -1.73
N GLY A 5 -2.87 -7.33 -2.83
CA GLY A 5 -2.67 -6.20 -3.71
C GLY A 5 -2.77 -4.87 -2.98
N ALA A 6 -3.87 -4.67 -2.27
CA ALA A 6 -4.09 -3.44 -1.52
C ALA A 6 -2.90 -3.14 -0.60
N GLN A 7 -2.34 -4.19 -0.01
CA GLN A 7 -1.20 -4.04 0.89
C GLN A 7 -0.06 -3.29 0.20
N ARG A 8 0.29 -3.72 -1.00
CA ARG A 8 1.36 -3.08 -1.76
C ARG A 8 1.07 -1.59 -1.98
N LYS A 9 -0.21 -1.28 -2.18
CA LYS A 9 -0.62 0.11 -2.39
C LYS A 9 -0.56 0.91 -1.09
N TRP A 10 -1.00 0.29 -0.01
CA TRP A 10 -1.01 0.93 1.30
C TRP A 10 0.38 1.45 1.65
N ALA A 11 1.34 0.53 1.74
CA ALA A 11 2.71 0.90 2.07
C ALA A 11 3.25 1.94 1.10
N ALA A 12 2.94 1.78 -0.18
CA ALA A 12 3.38 2.72 -1.20
C ALA A 12 3.01 4.15 -0.84
N LEU A 13 1.74 4.37 -0.58
CA LEU A 13 1.25 5.70 -0.22
C LEU A 13 1.86 6.17 1.10
N LYS A 14 1.96 5.26 2.06
CA LYS A 14 2.54 5.57 3.36
C LYS A 14 3.93 6.16 3.21
N GLU A 15 4.75 5.53 2.37
CA GLU A 15 6.11 6.01 2.14
C GLU A 15 6.11 7.43 1.59
N LYS A 16 5.19 7.69 0.66
CA LYS A 16 5.09 9.01 0.06
C LYS A 16 4.91 10.09 1.12
N LEU A 17 4.04 9.82 2.08
CA LEU A 17 3.77 10.77 3.16
C LEU A 17 4.75 10.56 4.32
N GLY A 18 5.77 11.40 4.39
CA GLY A 18 6.75 11.29 5.45
C GLY A 18 6.22 11.80 6.78
N SER A 1 -5.97 -11.80 -2.44
CA SER A 1 -5.79 -10.95 -3.62
C SER A 1 -6.21 -9.51 -3.32
N VAL A 2 -7.29 -9.36 -2.57
CA VAL A 2 -7.79 -8.04 -2.21
C VAL A 2 -7.02 -7.47 -1.02
N LYS A 3 -7.00 -8.21 0.08
CA LYS A 3 -6.30 -7.78 1.29
C LYS A 3 -4.82 -7.54 1.00
N GLU A 4 -4.25 -8.37 0.13
CA GLU A 4 -2.85 -8.26 -0.22
C GLU A 4 -2.62 -7.08 -1.18
N GLY A 5 -3.56 -6.90 -2.10
CA GLY A 5 -3.44 -5.83 -3.07
C GLY A 5 -3.35 -4.47 -2.40
N ALA A 6 -4.31 -4.16 -1.54
CA ALA A 6 -4.34 -2.88 -0.83
C ALA A 6 -3.11 -2.72 0.03
N GLN A 7 -2.66 -3.81 0.63
CA GLN A 7 -1.48 -3.79 1.50
C GLN A 7 -0.27 -3.21 0.76
N ARG A 8 -0.11 -3.61 -0.50
CA ARG A 8 1.00 -3.12 -1.31
C ARG A 8 0.85 -1.64 -1.61
N LYS A 9 -0.36 -1.22 -1.95
CA LYS A 9 -0.64 0.17 -2.26
C LYS A 9 -0.44 1.05 -1.02
N TRP A 10 -0.83 0.52 0.13
CA TRP A 10 -0.70 1.26 1.38
C TRP A 10 0.74 1.72 1.60
N ALA A 11 1.69 0.83 1.35
CA ALA A 11 3.11 1.15 1.51
C ALA A 11 3.55 2.20 0.50
N ALA A 12 3.17 2.00 -0.77
CA ALA A 12 3.53 2.93 -1.83
C ALA A 12 3.14 4.37 -1.46
N LEU A 13 1.87 4.56 -1.11
CA LEU A 13 1.38 5.87 -0.74
C LEU A 13 2.12 6.41 0.48
N LYS A 14 2.28 5.56 1.49
CA LYS A 14 2.97 5.94 2.71
C LYS A 14 4.34 6.54 2.40
N GLU A 15 4.99 6.01 1.38
CA GLU A 15 6.31 6.49 0.97
C GLU A 15 6.29 8.01 0.78
N LYS A 16 5.18 8.52 0.24
CA LYS A 16 5.04 9.95 -0.01
C LYS A 16 4.56 10.66 1.26
N LEU A 17 3.68 10.01 2.00
CA LEU A 17 3.13 10.59 3.22
C LEU A 17 3.67 9.86 4.45
N GLY A 18 4.61 10.49 5.15
CA GLY A 18 5.18 9.88 6.33
C GLY A 18 6.68 10.06 6.41
N SER A 1 -6.48 -12.39 -3.81
CA SER A 1 -5.48 -11.47 -3.30
C SER A 1 -6.09 -10.09 -3.05
N VAL A 2 -7.22 -10.07 -2.35
CA VAL A 2 -7.90 -8.81 -2.04
C VAL A 2 -7.15 -8.03 -0.98
N LYS A 3 -6.57 -8.75 -0.02
CA LYS A 3 -5.82 -8.12 1.06
C LYS A 3 -4.47 -7.61 0.56
N GLU A 4 -3.69 -8.49 -0.04
CA GLU A 4 -2.37 -8.13 -0.56
C GLU A 4 -2.50 -7.04 -1.62
N GLY A 5 -3.54 -7.12 -2.44
CA GLY A 5 -3.77 -6.15 -3.49
C GLY A 5 -3.95 -4.75 -2.95
N ALA A 6 -4.65 -4.64 -1.81
CA ALA A 6 -4.91 -3.36 -1.19
C ALA A 6 -3.72 -2.92 -0.32
N GLN A 7 -3.10 -3.89 0.33
CA GLN A 7 -1.96 -3.61 1.20
C GLN A 7 -0.82 -3.00 0.41
N ARG A 8 -0.58 -3.53 -0.79
CA ARG A 8 0.50 -3.04 -1.64
C ARG A 8 0.29 -1.57 -1.97
N LYS A 9 -0.90 -1.23 -2.45
CA LYS A 9 -1.22 0.16 -2.80
C LYS A 9 -1.20 1.05 -1.56
N TRP A 10 -1.90 0.61 -0.52
CA TRP A 10 -1.96 1.37 0.73
C TRP A 10 -0.57 1.71 1.24
N ALA A 11 0.36 0.76 1.06
CA ALA A 11 1.74 0.95 1.50
C ALA A 11 2.44 2.03 0.67
N ALA A 12 2.19 2.00 -0.63
CA ALA A 12 2.80 2.97 -1.54
C ALA A 12 2.55 4.40 -1.07
N LEU A 13 1.28 4.71 -0.78
CA LEU A 13 0.91 6.04 -0.31
C LEU A 13 1.63 6.38 0.99
N LYS A 14 1.76 5.39 1.87
CA LYS A 14 2.43 5.59 3.14
C LYS A 14 3.91 5.86 2.95
N GLU A 15 4.51 5.19 1.97
CA GLU A 15 5.93 5.36 1.68
C GLU A 15 6.22 6.78 1.21
N LYS A 16 5.39 7.29 0.31
CA LYS A 16 5.55 8.63 -0.22
C LYS A 16 5.56 9.66 0.91
N LEU A 17 4.64 9.51 1.85
CA LEU A 17 4.53 10.42 2.99
C LEU A 17 5.80 10.40 3.82
N GLY A 18 6.30 9.20 4.09
CA GLY A 18 7.52 9.05 4.87
C GLY A 18 8.34 7.85 4.47
N SER A 1 -5.98 -12.52 -2.87
CA SER A 1 -5.06 -11.58 -3.51
C SER A 1 -5.38 -10.15 -3.12
N VAL A 2 -6.67 -9.83 -3.06
CA VAL A 2 -7.11 -8.49 -2.70
C VAL A 2 -6.48 -8.05 -1.37
N LYS A 3 -6.32 -9.00 -0.46
CA LYS A 3 -5.73 -8.72 0.85
C LYS A 3 -4.27 -8.30 0.70
N GLU A 4 -3.51 -9.04 -0.10
CA GLU A 4 -2.11 -8.74 -0.32
C GLU A 4 -1.94 -7.46 -1.12
N GLY A 5 -2.80 -7.27 -2.12
CA GLY A 5 -2.73 -6.09 -2.95
C GLY A 5 -3.06 -4.82 -2.19
N ALA A 6 -4.04 -4.91 -1.29
CA ALA A 6 -4.45 -3.76 -0.48
C ALA A 6 -3.28 -3.23 0.34
N GLN A 7 -2.47 -4.13 0.86
CA GLN A 7 -1.31 -3.76 1.67
C GLN A 7 -0.27 -3.05 0.82
N ARG A 8 -0.05 -3.55 -0.38
CA ARG A 8 0.94 -2.97 -1.29
C ARG A 8 0.60 -1.52 -1.60
N LYS A 9 -0.68 -1.25 -1.86
CA LYS A 9 -1.14 0.10 -2.16
C LYS A 9 -1.08 0.99 -0.92
N TRP A 10 -1.50 0.43 0.22
CA TRP A 10 -1.49 1.17 1.48
C TRP A 10 -0.08 1.62 1.84
N ALA A 11 0.83 0.66 1.94
CA ALA A 11 2.22 0.94 2.28
C ALA A 11 2.85 1.90 1.26
N ALA A 12 2.63 1.61 -0.03
CA ALA A 12 3.17 2.45 -1.08
C ALA A 12 2.79 3.91 -0.88
N LEU A 13 1.50 4.17 -0.74
CA LEU A 13 1.01 5.53 -0.54
C LEU A 13 1.66 6.17 0.68
N LYS A 14 1.83 5.38 1.73
CA LYS A 14 2.46 5.88 2.95
C LYS A 14 3.86 6.40 2.68
N GLU A 15 4.66 5.59 1.99
CA GLU A 15 6.03 5.98 1.66
C GLU A 15 6.05 7.29 0.87
N LYS A 16 5.20 7.38 -0.14
CA LYS A 16 5.12 8.57 -0.98
C LYS A 16 4.78 9.80 -0.14
N LEU A 17 3.92 9.61 0.86
CA LEU A 17 3.51 10.71 1.74
C LEU A 17 4.71 11.23 2.54
N GLY A 18 5.41 10.33 3.21
CA GLY A 18 6.56 10.72 4.00
C GLY A 18 6.55 10.11 5.39
N SER A 1 -6.20 -12.89 -2.29
CA SER A 1 -5.24 -12.22 -3.16
C SER A 1 -5.49 -10.72 -3.21
N VAL A 2 -6.77 -10.34 -3.22
CA VAL A 2 -7.15 -8.94 -3.26
C VAL A 2 -6.61 -8.19 -2.04
N LYS A 3 -6.57 -8.86 -0.91
CA LYS A 3 -6.07 -8.26 0.32
C LYS A 3 -4.61 -7.87 0.19
N GLU A 4 -3.83 -8.72 -0.48
CA GLU A 4 -2.41 -8.46 -0.67
C GLU A 4 -2.20 -7.29 -1.63
N GLY A 5 -3.07 -7.20 -2.64
CA GLY A 5 -2.96 -6.12 -3.61
C GLY A 5 -3.22 -4.76 -2.99
N ALA A 6 -4.22 -4.69 -2.11
CA ALA A 6 -4.56 -3.44 -1.45
C ALA A 6 -3.43 -2.97 -0.54
N GLN A 7 -2.82 -3.91 0.17
CA GLN A 7 -1.73 -3.59 1.09
C GLN A 7 -0.60 -2.88 0.36
N ARG A 8 -0.30 -3.34 -0.86
CA ARG A 8 0.75 -2.74 -1.66
C ARG A 8 0.49 -1.26 -1.91
N LYS A 9 -0.74 -0.95 -2.30
CA LYS A 9 -1.13 0.44 -2.56
C LYS A 9 -1.01 1.28 -1.29
N TRP A 10 -1.45 0.73 -0.17
CA TRP A 10 -1.39 1.44 1.10
C TRP A 10 0.05 1.84 1.43
N ALA A 11 0.98 0.91 1.24
CA ALA A 11 2.38 1.17 1.52
C ALA A 11 2.91 2.30 0.65
N ALA A 12 2.54 2.29 -0.63
CA ALA A 12 2.97 3.32 -1.56
C ALA A 12 2.70 4.71 -1.01
N LEU A 13 1.51 4.91 -0.47
CA LEU A 13 1.12 6.20 0.09
C LEU A 13 1.97 6.54 1.31
N LYS A 14 2.24 5.53 2.14
CA LYS A 14 3.05 5.73 3.34
C LYS A 14 4.46 6.17 2.98
N GLU A 15 5.07 5.48 2.03
CA GLU A 15 6.43 5.81 1.59
C GLU A 15 6.48 7.23 1.03
N LYS A 16 5.48 7.60 0.26
CA LYS A 16 5.42 8.93 -0.33
C LYS A 16 5.41 10.01 0.74
N LEU A 17 4.74 9.73 1.85
CA LEU A 17 4.67 10.68 2.96
C LEU A 17 5.88 10.52 3.89
N GLY A 18 6.85 11.42 3.74
CA GLY A 18 8.04 11.36 4.57
C GLY A 18 8.70 12.72 4.72
N SER A 1 -3.96 -12.37 -3.67
CA SER A 1 -5.25 -12.07 -3.04
C SER A 1 -5.60 -10.60 -3.21
N VAL A 2 -6.88 -10.28 -3.04
CA VAL A 2 -7.34 -8.90 -3.17
C VAL A 2 -6.81 -8.03 -2.02
N LYS A 3 -6.71 -8.62 -0.84
CA LYS A 3 -6.22 -7.90 0.34
C LYS A 3 -4.73 -7.62 0.21
N GLU A 4 -3.99 -8.57 -0.37
CA GLU A 4 -2.55 -8.42 -0.54
C GLU A 4 -2.24 -7.24 -1.46
N GLY A 5 -2.93 -7.19 -2.60
CA GLY A 5 -2.71 -6.11 -3.54
C GLY A 5 -2.94 -4.74 -2.93
N ALA A 6 -3.94 -4.63 -2.07
CA ALA A 6 -4.25 -3.37 -1.42
C ALA A 6 -3.06 -2.85 -0.63
N GLN A 7 -2.31 -3.75 0.00
CA GLN A 7 -1.14 -3.37 0.77
C GLN A 7 -0.07 -2.74 -0.12
N ARG A 8 0.04 -3.26 -1.34
CA ARG A 8 1.02 -2.74 -2.29
C ARG A 8 0.83 -1.24 -2.52
N LYS A 9 -0.42 -0.85 -2.77
CA LYS A 9 -0.74 0.55 -3.01
C LYS A 9 -0.60 1.37 -1.73
N TRP A 10 -1.14 0.83 -0.63
CA TRP A 10 -1.07 1.51 0.66
C TRP A 10 0.37 1.79 1.06
N ALA A 11 1.26 0.84 0.77
CA ALA A 11 2.67 0.98 1.10
C ALA A 11 3.30 2.14 0.32
N ALA A 12 2.98 2.22 -0.96
CA ALA A 12 3.51 3.28 -1.82
C ALA A 12 3.08 4.65 -1.32
N LEU A 13 1.85 4.72 -0.81
CA LEU A 13 1.31 5.98 -0.30
C LEU A 13 1.93 6.33 1.05
N LYS A 14 2.13 5.31 1.89
CA LYS A 14 2.72 5.51 3.20
C LYS A 14 4.05 6.24 3.11
N GLU A 15 4.92 5.75 2.22
CA GLU A 15 6.23 6.35 2.03
C GLU A 15 6.11 7.75 1.44
N LYS A 16 5.19 7.91 0.50
CA LYS A 16 4.97 9.20 -0.15
C LYS A 16 4.67 10.29 0.88
N LEU A 17 3.82 9.95 1.85
CA LEU A 17 3.46 10.89 2.90
C LEU A 17 4.64 11.16 3.83
N GLY A 18 5.14 10.11 4.46
CA GLY A 18 6.27 10.25 5.37
C GLY A 18 7.07 8.97 5.50
N SER A 1 -7.10 -12.15 -2.37
CA SER A 1 -6.04 -11.61 -3.21
C SER A 1 -5.97 -10.09 -3.09
N VAL A 2 -7.13 -9.45 -3.09
CA VAL A 2 -7.21 -8.00 -2.98
C VAL A 2 -6.57 -7.51 -1.68
N LYS A 3 -6.73 -8.31 -0.63
CA LYS A 3 -6.17 -7.96 0.68
C LYS A 3 -4.67 -7.71 0.57
N GLU A 4 -3.97 -8.60 -0.13
CA GLU A 4 -2.53 -8.48 -0.29
C GLU A 4 -2.18 -7.27 -1.17
N GLY A 5 -2.99 -7.04 -2.20
CA GLY A 5 -2.76 -5.92 -3.09
C GLY A 5 -2.84 -4.59 -2.38
N ALA A 6 -3.76 -4.49 -1.42
CA ALA A 6 -3.94 -3.26 -0.67
C ALA A 6 -2.71 -2.95 0.19
N GLN A 7 -2.09 -4.00 0.72
CA GLN A 7 -0.91 -3.85 1.56
C GLN A 7 0.23 -3.21 0.77
N ARG A 8 0.51 -3.75 -0.41
CA ARG A 8 1.57 -3.23 -1.26
C ARG A 8 1.34 -1.77 -1.60
N LYS A 9 0.07 -1.42 -1.85
CA LYS A 9 -0.29 -0.04 -2.18
C LYS A 9 -0.13 0.87 -0.97
N TRP A 10 -0.46 0.35 0.21
CA TRP A 10 -0.36 1.13 1.44
C TRP A 10 1.05 1.68 1.61
N ALA A 11 2.05 0.84 1.36
CA ALA A 11 3.45 1.24 1.49
C ALA A 11 3.78 2.37 0.52
N ALA A 12 3.48 2.14 -0.76
CA ALA A 12 3.76 3.14 -1.79
C ALA A 12 3.15 4.49 -1.42
N LEU A 13 1.96 4.46 -0.84
CA LEU A 13 1.27 5.69 -0.45
C LEU A 13 1.97 6.34 0.74
N LYS A 14 2.48 5.52 1.65
CA LYS A 14 3.18 6.02 2.83
C LYS A 14 4.51 6.66 2.43
N GLU A 15 5.28 5.97 1.61
CA GLU A 15 6.58 6.47 1.16
C GLU A 15 6.44 7.87 0.58
N LYS A 16 5.36 8.09 -0.18
CA LYS A 16 5.11 9.39 -0.80
C LYS A 16 4.69 10.41 0.26
N LEU A 17 3.92 9.96 1.24
CA LEU A 17 3.46 10.84 2.31
C LEU A 17 4.62 11.57 2.97
N GLY A 18 5.68 10.82 3.27
CA GLY A 18 6.84 11.41 3.90
C GLY A 18 7.83 10.37 4.38
N SER A 1 -5.24 -12.08 -4.63
CA SER A 1 -5.94 -11.76 -3.40
C SER A 1 -6.21 -10.27 -3.29
N VAL A 2 -7.37 -9.92 -2.74
CA VAL A 2 -7.75 -8.52 -2.58
C VAL A 2 -6.95 -7.86 -1.46
N LYS A 3 -6.64 -8.62 -0.42
CA LYS A 3 -5.88 -8.10 0.71
C LYS A 3 -4.47 -7.70 0.27
N GLU A 4 -3.78 -8.61 -0.42
CA GLU A 4 -2.43 -8.35 -0.90
C GLU A 4 -2.39 -7.06 -1.72
N GLY A 5 -3.27 -6.96 -2.71
CA GLY A 5 -3.31 -5.77 -3.54
C GLY A 5 -3.53 -4.51 -2.75
N ALA A 6 -4.43 -4.57 -1.76
CA ALA A 6 -4.73 -3.43 -0.93
C ALA A 6 -3.52 -3.01 -0.10
N GLN A 7 -2.77 -3.99 0.40
CA GLN A 7 -1.59 -3.72 1.20
C GLN A 7 -0.53 -2.98 0.38
N ARG A 8 -0.23 -3.50 -0.80
CA ARG A 8 0.76 -2.88 -1.67
C ARG A 8 0.36 -1.46 -2.03
N LYS A 9 -0.93 -1.26 -2.32
CA LYS A 9 -1.43 0.06 -2.68
C LYS A 9 -1.31 1.03 -1.52
N TRP A 10 -1.82 0.62 -0.35
CA TRP A 10 -1.75 1.46 0.84
C TRP A 10 -0.32 1.87 1.14
N ALA A 11 0.63 0.98 0.87
CA ALA A 11 2.03 1.26 1.10
C ALA A 11 2.52 2.41 0.22
N ALA A 12 2.06 2.42 -1.03
CA ALA A 12 2.45 3.47 -1.97
C ALA A 12 2.20 4.85 -1.39
N LEU A 13 1.07 5.00 -0.70
CA LEU A 13 0.71 6.28 -0.10
C LEU A 13 1.61 6.59 1.10
N LYS A 14 1.95 5.57 1.86
CA LYS A 14 2.80 5.72 3.02
C LYS A 14 4.19 6.22 2.61
N GLU A 15 4.73 5.65 1.55
CA GLU A 15 6.04 6.04 1.05
C GLU A 15 6.04 7.50 0.58
N LYS A 16 5.01 7.86 -0.17
CA LYS A 16 4.89 9.22 -0.69
C LYS A 16 4.80 10.23 0.45
N LEU A 17 4.07 9.86 1.51
CA LEU A 17 3.92 10.74 2.67
C LEU A 17 5.26 11.01 3.33
N GLY A 18 5.96 9.94 3.71
CA GLY A 18 7.25 10.08 4.35
C GLY A 18 7.90 8.74 4.64
N SER A 1 -5.72 -12.52 -4.36
CA SER A 1 -4.92 -11.59 -3.56
C SER A 1 -5.67 -10.28 -3.35
N VAL A 2 -6.84 -10.37 -2.73
CA VAL A 2 -7.64 -9.18 -2.45
C VAL A 2 -7.07 -8.38 -1.30
N LYS A 3 -6.50 -9.08 -0.32
CA LYS A 3 -5.91 -8.42 0.85
C LYS A 3 -4.49 -7.95 0.54
N GLU A 4 -3.69 -8.84 -0.04
CA GLU A 4 -2.31 -8.51 -0.40
C GLU A 4 -2.26 -7.30 -1.31
N GLY A 5 -3.08 -7.31 -2.36
CA GLY A 5 -3.12 -6.22 -3.31
C GLY A 5 -3.44 -4.89 -2.64
N ALA A 6 -4.53 -4.87 -1.88
CA ALA A 6 -4.94 -3.65 -1.19
C ALA A 6 -3.86 -3.15 -0.25
N GLN A 7 -3.16 -4.09 0.39
CA GLN A 7 -2.09 -3.75 1.32
C GLN A 7 -0.94 -3.07 0.60
N ARG A 8 -0.56 -3.61 -0.56
CA ARG A 8 0.53 -3.06 -1.34
C ARG A 8 0.30 -1.59 -1.63
N LYS A 9 -0.92 -1.26 -2.07
CA LYS A 9 -1.27 0.11 -2.38
C LYS A 9 -1.03 1.03 -1.19
N TRP A 10 -1.57 0.66 -0.04
CA TRP A 10 -1.41 1.45 1.18
C TRP A 10 0.07 1.72 1.46
N ALA A 11 0.90 0.69 1.24
CA ALA A 11 2.33 0.81 1.47
C ALA A 11 2.96 1.81 0.51
N ALA A 12 2.52 1.78 -0.75
CA ALA A 12 3.04 2.68 -1.77
C ALA A 12 2.78 4.14 -1.39
N LEU A 13 1.60 4.39 -0.81
CA LEU A 13 1.23 5.74 -0.41
C LEU A 13 2.02 6.18 0.83
N LYS A 14 2.25 5.24 1.73
CA LYS A 14 2.99 5.52 2.96
C LYS A 14 4.35 6.15 2.65
N GLU A 15 5.07 5.54 1.71
CA GLU A 15 6.38 6.05 1.32
C GLU A 15 6.29 7.48 0.81
N LYS A 16 5.26 7.74 0.00
CA LYS A 16 5.06 9.08 -0.55
C LYS A 16 4.76 10.09 0.55
N LEU A 17 3.98 9.67 1.54
CA LEU A 17 3.61 10.54 2.65
C LEU A 17 4.87 11.07 3.35
N GLY A 18 5.85 10.19 3.56
CA GLY A 18 7.07 10.59 4.21
C GLY A 18 7.96 11.43 3.31
N SER A 1 -5.57 -11.86 -4.24
CA SER A 1 -6.07 -11.56 -2.91
C SER A 1 -6.00 -10.06 -2.62
N VAL A 2 -7.16 -9.40 -2.69
CA VAL A 2 -7.23 -7.97 -2.45
C VAL A 2 -6.59 -7.61 -1.11
N LYS A 3 -6.77 -8.47 -0.12
CA LYS A 3 -6.21 -8.25 1.21
C LYS A 3 -4.71 -8.00 1.14
N GLU A 4 -4.04 -8.72 0.24
CA GLU A 4 -2.60 -8.57 0.07
C GLU A 4 -2.28 -7.49 -0.95
N GLY A 5 -3.07 -7.43 -2.02
CA GLY A 5 -2.85 -6.44 -3.05
C GLY A 5 -2.93 -5.02 -2.51
N ALA A 6 -3.79 -4.81 -1.53
CA ALA A 6 -3.96 -3.49 -0.92
C ALA A 6 -2.71 -3.09 -0.14
N GLN A 7 -2.11 -4.07 0.53
CA GLN A 7 -0.90 -3.81 1.33
C GLN A 7 0.17 -3.14 0.48
N ARG A 8 0.30 -3.58 -0.77
CA ARG A 8 1.30 -3.03 -1.67
C ARG A 8 1.06 -1.54 -1.90
N LYS A 9 -0.15 -1.20 -2.34
CA LYS A 9 -0.50 0.18 -2.60
C LYS A 9 -0.41 1.02 -1.32
N TRP A 10 -0.84 0.44 -0.21
CA TRP A 10 -0.79 1.13 1.08
C TRP A 10 0.62 1.58 1.41
N ALA A 11 1.54 0.62 1.47
CA ALA A 11 2.94 0.92 1.78
C ALA A 11 3.50 1.95 0.81
N ALA A 12 3.19 1.80 -0.47
CA ALA A 12 3.65 2.72 -1.50
C ALA A 12 3.24 4.15 -1.18
N LEU A 13 2.01 4.33 -0.73
CA LEU A 13 1.50 5.65 -0.39
C LEU A 13 2.17 6.18 0.88
N LYS A 14 2.38 5.30 1.84
CA LYS A 14 3.01 5.67 3.10
C LYS A 14 4.34 6.39 2.85
N GLU A 15 5.13 5.86 1.93
CA GLU A 15 6.41 6.45 1.58
C GLU A 15 6.27 7.92 1.23
N LYS A 16 5.20 8.23 0.50
CA LYS A 16 4.93 9.61 0.09
C LYS A 16 4.47 10.45 1.27
N LEU A 17 3.56 9.91 2.07
CA LEU A 17 3.04 10.61 3.23
C LEU A 17 3.96 10.45 4.42
N GLY A 18 4.74 11.49 4.72
CA GLY A 18 5.66 11.43 5.84
C GLY A 18 4.99 11.80 7.16
N SER A 1 -6.01 -12.47 -2.93
CA SER A 1 -5.27 -11.57 -3.81
C SER A 1 -5.44 -10.12 -3.35
N VAL A 2 -6.66 -9.63 -3.41
CA VAL A 2 -6.96 -8.26 -3.01
C VAL A 2 -6.45 -7.97 -1.60
N LYS A 3 -6.57 -8.96 -0.72
CA LYS A 3 -6.11 -8.83 0.65
C LYS A 3 -4.66 -8.36 0.71
N GLU A 4 -3.86 -8.86 -0.22
CA GLU A 4 -2.44 -8.49 -0.28
C GLU A 4 -2.24 -7.25 -1.15
N GLY A 5 -2.95 -7.20 -2.27
CA GLY A 5 -2.83 -6.07 -3.17
C GLY A 5 -3.07 -4.74 -2.46
N ALA A 6 -4.11 -4.68 -1.65
CA ALA A 6 -4.43 -3.47 -0.91
C ALA A 6 -3.25 -3.00 -0.08
N GLN A 7 -2.58 -3.96 0.58
CA GLN A 7 -1.43 -3.64 1.42
C GLN A 7 -0.32 -2.99 0.60
N ARG A 8 -0.07 -3.55 -0.59
CA ARG A 8 0.96 -3.03 -1.47
C ARG A 8 0.77 -1.54 -1.71
N LYS A 9 -0.47 -1.12 -1.88
CA LYS A 9 -0.79 0.28 -2.11
C LYS A 9 -0.72 1.09 -0.82
N TRP A 10 -1.17 0.48 0.26
CA TRP A 10 -1.15 1.14 1.57
C TRP A 10 0.26 1.52 1.97
N ALA A 11 1.15 0.54 2.00
CA ALA A 11 2.55 0.77 2.36
C ALA A 11 3.23 1.69 1.36
N ALA A 12 2.87 1.54 0.08
CA ALA A 12 3.45 2.36 -0.97
C ALA A 12 3.14 3.84 -0.75
N LEU A 13 1.86 4.17 -0.66
CA LEU A 13 1.43 5.54 -0.44
C LEU A 13 2.03 6.11 0.84
N LYS A 14 2.09 5.27 1.88
CA LYS A 14 2.63 5.67 3.16
C LYS A 14 4.03 6.26 3.00
N GLU A 15 4.87 5.58 2.23
CA GLU A 15 6.24 6.03 2.00
C GLU A 15 6.25 7.30 1.13
N LYS A 16 5.33 7.36 0.17
CA LYS A 16 5.23 8.50 -0.72
C LYS A 16 4.87 9.77 0.06
N LEU A 17 3.91 9.64 0.96
CA LEU A 17 3.49 10.78 1.78
C LEU A 17 4.64 11.34 2.58
N GLY A 18 5.48 10.46 3.13
CA GLY A 18 6.61 10.89 3.91
C GLY A 18 6.82 10.04 5.15
N SER A 1 -4.27 -12.39 -4.43
CA SER A 1 -5.13 -12.15 -3.27
C SER A 1 -5.30 -10.65 -3.04
N VAL A 2 -6.54 -10.18 -3.14
CA VAL A 2 -6.84 -8.77 -2.93
C VAL A 2 -6.43 -8.32 -1.54
N LYS A 3 -6.58 -9.22 -0.57
CA LYS A 3 -6.23 -8.91 0.82
C LYS A 3 -4.76 -8.51 0.92
N GLU A 4 -3.92 -9.15 0.12
CA GLU A 4 -2.48 -8.86 0.12
C GLU A 4 -2.16 -7.74 -0.86
N GLY A 5 -2.84 -7.73 -2.00
CA GLY A 5 -2.62 -6.70 -3.00
C GLY A 5 -2.93 -5.31 -2.49
N ALA A 6 -4.08 -5.18 -1.84
CA ALA A 6 -4.50 -3.89 -1.30
C ALA A 6 -3.48 -3.34 -0.32
N GLN A 7 -2.86 -4.22 0.45
CA GLN A 7 -1.86 -3.82 1.43
C GLN A 7 -0.68 -3.13 0.74
N ARG A 8 -0.26 -3.68 -0.40
CA ARG A 8 0.85 -3.11 -1.15
C ARG A 8 0.53 -1.69 -1.61
N LYS A 9 -0.65 -1.50 -2.16
CA LYS A 9 -1.09 -0.20 -2.64
C LYS A 9 -0.99 0.85 -1.55
N TRP A 10 -1.62 0.57 -0.41
CA TRP A 10 -1.60 1.49 0.72
C TRP A 10 -0.16 1.82 1.13
N ALA A 11 0.70 0.81 1.07
CA ALA A 11 2.10 1.00 1.44
C ALA A 11 2.77 2.04 0.55
N ALA A 12 2.51 1.95 -0.75
CA ALA A 12 3.08 2.89 -1.70
C ALA A 12 2.79 4.33 -1.31
N LEU A 13 1.51 4.65 -1.11
CA LEU A 13 1.11 5.99 -0.72
C LEU A 13 1.77 6.41 0.59
N LYS A 14 1.80 5.48 1.54
CA LYS A 14 2.41 5.74 2.85
C LYS A 14 3.89 6.08 2.70
N GLU A 15 4.60 5.29 1.90
CA GLU A 15 6.02 5.51 1.68
C GLU A 15 6.28 6.90 1.10
N LYS A 16 5.47 7.27 0.11
CA LYS A 16 5.61 8.57 -0.54
C LYS A 16 5.48 9.70 0.48
N LEU A 17 4.58 9.51 1.45
CA LEU A 17 4.37 10.52 2.48
C LEU A 17 5.55 10.56 3.45
N GLY A 18 6.13 9.40 3.72
CA GLY A 18 7.26 9.33 4.62
C GLY A 18 7.93 7.97 4.61
N SER A 1 -7.29 -10.07 -5.50
CA SER A 1 -6.00 -9.68 -4.95
C SER A 1 -6.11 -8.35 -4.21
N VAL A 2 -7.21 -8.16 -3.50
CA VAL A 2 -7.44 -6.93 -2.75
C VAL A 2 -6.85 -7.03 -1.35
N LYS A 3 -7.06 -8.18 -0.70
CA LYS A 3 -6.54 -8.40 0.65
C LYS A 3 -5.04 -8.16 0.70
N GLU A 4 -4.32 -8.73 -0.26
CA GLU A 4 -2.88 -8.58 -0.32
C GLU A 4 -2.49 -7.31 -1.07
N GLY A 5 -3.21 -7.03 -2.15
CA GLY A 5 -2.94 -5.84 -2.94
C GLY A 5 -2.97 -4.58 -2.12
N ALA A 6 -3.93 -4.50 -1.19
CA ALA A 6 -4.06 -3.33 -0.33
C ALA A 6 -2.75 -3.00 0.37
N GLN A 7 -2.04 -4.04 0.80
CA GLN A 7 -0.77 -3.86 1.49
C GLN A 7 0.24 -3.15 0.59
N ARG A 8 0.40 -3.66 -0.63
CA ARG A 8 1.34 -3.07 -1.57
C ARG A 8 0.99 -1.62 -1.85
N LYS A 9 -0.28 -1.35 -2.16
CA LYS A 9 -0.73 -0.01 -2.44
C LYS A 9 -0.52 0.91 -1.24
N TRP A 10 -0.76 0.37 -0.04
CA TRP A 10 -0.59 1.13 1.19
C TRP A 10 0.83 1.70 1.29
N ALA A 11 1.81 0.88 0.95
CA ALA A 11 3.20 1.29 1.00
C ALA A 11 3.46 2.47 0.06
N ALA A 12 2.96 2.37 -1.17
CA ALA A 12 3.12 3.43 -2.15
C ALA A 12 2.68 4.78 -1.60
N LEU A 13 1.53 4.78 -0.93
CA LEU A 13 0.99 6.01 -0.35
C LEU A 13 1.79 6.42 0.88
N LYS A 14 2.07 5.46 1.75
CA LYS A 14 2.84 5.72 2.97
C LYS A 14 4.15 6.43 2.65
N GLU A 15 4.86 5.94 1.63
CA GLU A 15 6.12 6.53 1.22
C GLU A 15 5.94 7.99 0.85
N LYS A 16 4.84 8.29 0.17
CA LYS A 16 4.55 9.66 -0.25
C LYS A 16 4.16 10.53 0.94
N LEU A 17 3.38 9.95 1.85
CA LEU A 17 2.92 10.66 3.04
C LEU A 17 3.99 10.65 4.12
N GLY A 18 4.77 11.74 4.20
CA GLY A 18 5.82 11.83 5.19
C GLY A 18 7.01 10.94 4.87
N SER A 1 -5.17 -11.74 -2.43
CA SER A 1 -5.65 -10.92 -3.54
C SER A 1 -5.96 -9.50 -3.07
N VAL A 2 -6.96 -9.37 -2.20
CA VAL A 2 -7.37 -8.08 -1.68
C VAL A 2 -6.51 -7.68 -0.48
N LYS A 3 -6.35 -8.62 0.45
CA LYS A 3 -5.55 -8.38 1.65
C LYS A 3 -4.15 -7.90 1.29
N GLU A 4 -3.53 -8.58 0.34
CA GLU A 4 -2.17 -8.24 -0.10
C GLU A 4 -2.22 -7.15 -1.17
N GLY A 5 -3.16 -7.29 -2.11
CA GLY A 5 -3.29 -6.32 -3.18
C GLY A 5 -3.50 -4.91 -2.66
N ALA A 6 -4.23 -4.80 -1.55
CA ALA A 6 -4.51 -3.49 -0.95
C ALA A 6 -3.31 -3.02 -0.12
N GLN A 7 -2.65 -3.95 0.55
CA GLN A 7 -1.49 -3.61 1.38
C GLN A 7 -0.42 -2.90 0.56
N ARG A 8 -0.16 -3.41 -0.63
CA ARG A 8 0.84 -2.82 -1.51
C ARG A 8 0.53 -1.36 -1.79
N LYS A 9 -0.74 -1.05 -1.99
CA LYS A 9 -1.18 0.31 -2.27
C LYS A 9 -1.11 1.17 -1.01
N TRP A 10 -1.59 0.61 0.10
CA TRP A 10 -1.58 1.33 1.37
C TRP A 10 -0.16 1.76 1.74
N ALA A 11 0.81 0.91 1.45
CA ALA A 11 2.21 1.20 1.74
C ALA A 11 2.80 2.16 0.72
N ALA A 12 2.41 1.97 -0.54
CA ALA A 12 2.91 2.83 -1.62
C ALA A 12 2.70 4.31 -1.30
N LEU A 13 1.44 4.68 -1.06
CA LEU A 13 1.12 6.06 -0.73
C LEU A 13 1.85 6.53 0.52
N LYS A 14 1.96 5.63 1.50
CA LYS A 14 2.65 5.95 2.75
C LYS A 14 4.08 6.39 2.48
N GLU A 15 4.76 5.68 1.60
CA GLU A 15 6.14 5.99 1.25
C GLU A 15 6.24 7.39 0.65
N LYS A 16 5.25 7.75 -0.15
CA LYS A 16 5.22 9.07 -0.79
C LYS A 16 4.98 10.17 0.24
N LEU A 17 4.00 9.95 1.11
CA LEU A 17 3.67 10.93 2.15
C LEU A 17 4.85 11.13 3.10
N GLY A 18 5.17 10.10 3.86
CA GLY A 18 6.28 10.19 4.81
C GLY A 18 7.07 8.91 4.89
N SER A 1 -4.30 -10.65 -5.55
CA SER A 1 -5.31 -10.82 -4.51
C SER A 1 -5.59 -9.48 -3.83
N VAL A 2 -6.88 -9.16 -3.68
CA VAL A 2 -7.29 -7.92 -3.04
C VAL A 2 -6.64 -7.77 -1.66
N LYS A 3 -6.52 -8.90 -0.96
CA LYS A 3 -5.93 -8.91 0.38
C LYS A 3 -4.54 -8.30 0.36
N GLU A 4 -3.76 -8.63 -0.68
CA GLU A 4 -2.41 -8.12 -0.82
C GLU A 4 -2.41 -6.74 -1.48
N GLY A 5 -3.30 -6.57 -2.47
CA GLY A 5 -3.38 -5.32 -3.19
C GLY A 5 -3.67 -4.15 -2.26
N ALA A 6 -4.63 -4.33 -1.35
CA ALA A 6 -5.00 -3.28 -0.41
C ALA A 6 -3.81 -2.88 0.45
N GLN A 7 -3.05 -3.88 0.90
CA GLN A 7 -1.89 -3.61 1.74
C GLN A 7 -0.83 -2.84 0.97
N ARG A 8 -0.48 -3.33 -0.22
CA ARG A 8 0.52 -2.69 -1.05
C ARG A 8 0.12 -1.26 -1.39
N LYS A 9 -1.16 -1.07 -1.69
CA LYS A 9 -1.68 0.24 -2.04
C LYS A 9 -1.46 1.23 -0.90
N TRP A 10 -1.73 0.80 0.32
CA TRP A 10 -1.55 1.64 1.50
C TRP A 10 -0.10 1.99 1.70
N ALA A 11 0.76 0.97 1.77
CA ALA A 11 2.19 1.18 1.95
C ALA A 11 2.74 2.15 0.92
N ALA A 12 2.23 2.06 -0.31
CA ALA A 12 2.67 2.94 -1.38
C ALA A 12 2.44 4.40 -1.04
N LEU A 13 1.18 4.75 -0.76
CA LEU A 13 0.82 6.12 -0.41
C LEU A 13 1.56 6.58 0.83
N LYS A 14 1.76 5.66 1.77
CA LYS A 14 2.45 5.97 3.02
C LYS A 14 3.89 6.41 2.74
N GLU A 15 4.58 5.64 1.91
CA GLU A 15 5.97 5.96 1.57
C GLU A 15 6.09 7.38 1.03
N LYS A 16 5.19 7.74 0.12
CA LYS A 16 5.20 9.08 -0.46
C LYS A 16 5.07 10.14 0.62
N LEU A 17 4.20 9.89 1.59
CA LEU A 17 3.98 10.83 2.69
C LEU A 17 5.31 11.19 3.37
N GLY A 18 6.03 10.16 3.80
CA GLY A 18 7.31 10.38 4.47
C GLY A 18 8.33 11.01 3.55
N SER A 1 -5.09 -12.50 -3.06
CA SER A 1 -4.23 -11.44 -3.58
C SER A 1 -4.65 -10.08 -3.03
N VAL A 2 -5.95 -9.80 -3.11
CA VAL A 2 -6.48 -8.53 -2.62
C VAL A 2 -6.06 -8.28 -1.17
N LYS A 3 -6.05 -9.34 -0.37
CA LYS A 3 -5.66 -9.24 1.02
C LYS A 3 -4.30 -8.57 1.17
N GLU A 4 -3.37 -8.93 0.29
CA GLU A 4 -2.03 -8.37 0.31
C GLU A 4 -1.98 -7.05 -0.44
N GLY A 5 -2.71 -6.97 -1.55
CA GLY A 5 -2.73 -5.76 -2.35
C GLY A 5 -3.14 -4.55 -1.53
N ALA A 6 -4.06 -4.75 -0.60
CA ALA A 6 -4.54 -3.67 0.26
C ALA A 6 -3.39 -2.96 0.95
N GLN A 7 -2.60 -3.73 1.70
CA GLN A 7 -1.46 -3.17 2.42
C GLN A 7 -0.43 -2.60 1.46
N ARG A 8 -0.25 -3.26 0.32
CA ARG A 8 0.70 -2.82 -0.69
C ARG A 8 0.37 -1.41 -1.16
N LYS A 9 -0.86 -1.22 -1.62
CA LYS A 9 -1.30 0.08 -2.11
C LYS A 9 -1.12 1.15 -1.04
N TRP A 10 -1.52 0.84 0.18
CA TRP A 10 -1.40 1.77 1.30
C TRP A 10 0.06 2.12 1.57
N ALA A 11 0.92 1.09 1.56
CA ALA A 11 2.34 1.29 1.80
C ALA A 11 2.96 2.19 0.73
N ALA A 12 2.50 2.03 -0.50
CA ALA A 12 3.00 2.83 -1.62
C ALA A 12 2.77 4.32 -1.38
N LEU A 13 1.63 4.64 -0.75
CA LEU A 13 1.29 6.03 -0.47
C LEU A 13 2.09 6.55 0.72
N LYS A 14 2.12 5.78 1.80
CA LYS A 14 2.86 6.16 3.00
C LYS A 14 4.31 6.47 2.67
N GLU A 15 4.91 5.65 1.81
CA GLU A 15 6.30 5.84 1.41
C GLU A 15 6.47 7.15 0.65
N LYS A 16 5.53 7.45 -0.23
CA LYS A 16 5.57 8.67 -1.02
C LYS A 16 5.61 9.90 -0.12
N LEU A 17 4.77 9.91 0.90
CA LEU A 17 4.71 11.02 1.84
C LEU A 17 6.07 11.27 2.48
N GLY A 18 6.69 10.19 2.96
CA GLY A 18 7.99 10.30 3.60
C GLY A 18 8.22 9.23 4.65
N SER A 1 -5.17 -12.48 -3.78
CA SER A 1 -5.94 -12.04 -2.63
C SER A 1 -5.99 -10.52 -2.56
N VAL A 2 -7.22 -9.98 -2.63
CA VAL A 2 -7.41 -8.54 -2.58
C VAL A 2 -6.72 -7.93 -1.36
N LYS A 3 -6.72 -8.67 -0.26
CA LYS A 3 -6.09 -8.21 0.98
C LYS A 3 -4.62 -7.89 0.75
N GLU A 4 -3.90 -8.85 0.19
CA GLU A 4 -2.48 -8.67 -0.08
C GLU A 4 -2.24 -7.47 -1.00
N GLY A 5 -3.02 -7.40 -2.07
CA GLY A 5 -2.90 -6.30 -3.01
C GLY A 5 -3.08 -4.95 -2.35
N ALA A 6 -4.20 -4.77 -1.67
CA ALA A 6 -4.49 -3.51 -1.00
C ALA A 6 -3.34 -3.10 -0.09
N GLN A 7 -2.81 -4.06 0.67
CA GLN A 7 -1.71 -3.80 1.58
C GLN A 7 -0.48 -3.29 0.82
N ARG A 8 -0.15 -3.95 -0.28
CA ARG A 8 1.00 -3.57 -1.09
C ARG A 8 0.82 -2.15 -1.64
N LYS A 9 -0.38 -1.88 -2.16
CA LYS A 9 -0.68 -0.57 -2.73
C LYS A 9 -0.61 0.51 -1.65
N TRP A 10 -1.11 0.20 -0.47
CA TRP A 10 -1.10 1.15 0.65
C TRP A 10 0.32 1.62 0.95
N ALA A 11 1.25 0.67 1.00
CA ALA A 11 2.64 0.98 1.28
C ALA A 11 3.17 2.04 0.32
N ALA A 12 2.87 1.87 -0.96
CA ALA A 12 3.32 2.80 -1.99
C ALA A 12 2.95 4.23 -1.63
N LEU A 13 1.75 4.40 -1.09
CA LEU A 13 1.26 5.73 -0.69
C LEU A 13 1.93 6.19 0.59
N LYS A 14 2.15 5.26 1.51
CA LYS A 14 2.78 5.57 2.80
C LYS A 14 4.16 6.19 2.57
N GLU A 15 4.93 5.62 1.65
CA GLU A 15 6.27 6.12 1.34
C GLU A 15 6.22 7.60 0.97
N LYS A 16 5.21 7.97 0.21
CA LYS A 16 5.04 9.36 -0.22
C LYS A 16 5.04 10.30 0.99
N LEU A 17 4.43 9.85 2.08
CA LEU A 17 4.37 10.66 3.29
C LEU A 17 5.24 10.06 4.39
N GLY A 18 5.08 10.56 5.62
CA GLY A 18 5.87 10.06 6.73
C GLY A 18 5.11 10.15 8.05
N SER A 1 -4.43 -12.75 -2.10
CA SER A 1 -4.04 -12.15 -3.37
C SER A 1 -4.79 -10.85 -3.60
N VAL A 2 -6.11 -10.92 -3.59
CA VAL A 2 -6.95 -9.74 -3.79
C VAL A 2 -6.79 -8.75 -2.64
N LYS A 3 -6.78 -9.26 -1.42
CA LYS A 3 -6.63 -8.42 -0.24
C LYS A 3 -5.21 -7.87 -0.14
N GLU A 4 -4.24 -8.70 -0.49
CA GLU A 4 -2.84 -8.29 -0.43
C GLU A 4 -2.61 -7.00 -1.21
N GLY A 5 -3.31 -6.86 -2.34
CA GLY A 5 -3.17 -5.66 -3.15
C GLY A 5 -3.45 -4.39 -2.37
N ALA A 6 -4.42 -4.46 -1.46
CA ALA A 6 -4.78 -3.31 -0.64
C ALA A 6 -3.61 -2.86 0.22
N GLN A 7 -2.86 -3.82 0.74
CA GLN A 7 -1.71 -3.53 1.59
C GLN A 7 -0.52 -3.06 0.75
N ARG A 8 -0.38 -3.65 -0.43
CA ARG A 8 0.72 -3.30 -1.32
C ARG A 8 0.61 -1.85 -1.78
N LYS A 9 -0.62 -1.40 -2.00
CA LYS A 9 -0.87 -0.04 -2.44
C LYS A 9 -0.75 0.94 -1.27
N TRP A 10 -1.34 0.59 -0.14
CA TRP A 10 -1.30 1.42 1.04
C TRP A 10 0.15 1.73 1.44
N ALA A 11 0.99 0.71 1.42
CA ALA A 11 2.39 0.88 1.77
C ALA A 11 3.10 1.82 0.79
N ALA A 12 2.84 1.64 -0.49
CA ALA A 12 3.44 2.47 -1.52
C ALA A 12 3.07 3.94 -1.33
N LEU A 13 1.82 4.19 -0.95
CA LEU A 13 1.35 5.55 -0.73
C LEU A 13 1.95 6.14 0.54
N LYS A 14 2.08 5.29 1.56
CA LYS A 14 2.65 5.72 2.84
C LYS A 14 4.02 6.35 2.65
N GLU A 15 4.79 5.80 1.71
CA GLU A 15 6.13 6.31 1.43
C GLU A 15 6.08 7.78 1.02
N LYS A 16 5.09 8.12 0.18
CA LYS A 16 4.93 9.49 -0.29
C LYS A 16 4.81 10.46 0.89
N LEU A 17 4.15 10.01 1.95
CA LEU A 17 3.96 10.84 3.14
C LEU A 17 4.79 10.30 4.30
N GLY A 18 4.52 10.82 5.50
CA GLY A 18 5.24 10.38 6.68
C GLY A 18 6.47 11.23 6.95
N SER A 1 -4.90 -12.86 -3.68
CA SER A 1 -5.96 -12.31 -2.84
C SER A 1 -5.99 -10.79 -2.94
N VAL A 2 -7.18 -10.24 -3.17
CA VAL A 2 -7.35 -8.79 -3.30
C VAL A 2 -6.74 -8.07 -2.11
N LYS A 3 -6.85 -8.68 -0.93
CA LYS A 3 -6.31 -8.10 0.29
C LYS A 3 -4.80 -7.93 0.19
N GLU A 4 -4.12 -9.00 -0.24
CA GLU A 4 -2.66 -8.97 -0.38
C GLU A 4 -2.23 -7.81 -1.28
N GLY A 5 -2.84 -7.71 -2.45
CA GLY A 5 -2.51 -6.66 -3.38
C GLY A 5 -2.76 -5.28 -2.80
N ALA A 6 -3.87 -5.12 -2.10
CA ALA A 6 -4.22 -3.84 -1.49
C ALA A 6 -3.08 -3.32 -0.62
N GLN A 7 -2.42 -4.22 0.09
CA GLN A 7 -1.31 -3.85 0.96
C GLN A 7 -0.21 -3.15 0.18
N ARG A 8 0.00 -3.59 -1.05
CA ARG A 8 1.03 -3.01 -1.92
C ARG A 8 0.73 -1.54 -2.19
N LYS A 9 -0.47 -1.27 -2.68
CA LYS A 9 -0.88 0.11 -2.98
C LYS A 9 -0.77 0.99 -1.74
N TRP A 10 -1.25 0.48 -0.62
CA TRP A 10 -1.21 1.22 0.63
C TRP A 10 0.23 1.54 1.04
N ALA A 11 1.09 0.52 0.97
CA ALA A 11 2.49 0.68 1.33
C ALA A 11 3.17 1.71 0.42
N ALA A 12 2.79 1.70 -0.85
CA ALA A 12 3.36 2.63 -1.82
C ALA A 12 3.07 4.08 -1.45
N LEU A 13 1.79 4.38 -1.24
CA LEU A 13 1.36 5.73 -0.88
C LEU A 13 2.04 6.16 0.42
N LYS A 14 2.20 5.24 1.35
CA LYS A 14 2.83 5.53 2.63
C LYS A 14 4.25 6.06 2.43
N GLU A 15 4.97 5.48 1.48
CA GLU A 15 6.34 5.90 1.20
C GLU A 15 6.39 7.40 0.90
N LYS A 16 5.36 7.89 0.23
CA LYS A 16 5.29 9.31 -0.12
C LYS A 16 5.47 10.19 1.11
N LEU A 17 4.86 9.79 2.22
CA LEU A 17 4.95 10.53 3.47
C LEU A 17 5.78 9.76 4.50
N GLY A 18 5.74 10.23 5.74
CA GLY A 18 6.48 9.57 6.81
C GLY A 18 5.75 9.59 8.13
N SER A 1 -4.14 -13.64 -3.32
CA SER A 1 -3.55 -12.43 -2.76
C SER A 1 -4.41 -11.21 -3.06
N VAL A 2 -5.72 -11.40 -3.05
CA VAL A 2 -6.66 -10.32 -3.32
C VAL A 2 -6.55 -9.21 -2.27
N LYS A 3 -6.29 -9.61 -1.03
CA LYS A 3 -6.16 -8.67 0.07
C LYS A 3 -4.82 -7.95 0.00
N GLU A 4 -3.77 -8.68 -0.37
CA GLU A 4 -2.43 -8.10 -0.47
C GLU A 4 -2.41 -6.95 -1.46
N GLY A 5 -3.10 -7.13 -2.60
CA GLY A 5 -3.14 -6.11 -3.62
C GLY A 5 -3.65 -4.78 -3.08
N ALA A 6 -4.59 -4.83 -2.15
CA ALA A 6 -5.15 -3.63 -1.54
C ALA A 6 -4.14 -2.95 -0.64
N GLN A 7 -3.59 -3.72 0.30
CA GLN A 7 -2.60 -3.19 1.24
C GLN A 7 -1.42 -2.56 0.50
N ARG A 8 -1.05 -3.15 -0.62
CA ARG A 8 0.06 -2.66 -1.42
C ARG A 8 -0.16 -1.20 -1.80
N LYS A 9 -1.38 -0.86 -2.20
CA LYS A 9 -1.72 0.50 -2.58
C LYS A 9 -1.56 1.46 -1.40
N TRP A 10 -2.07 1.05 -0.24
CA TRP A 10 -1.99 1.87 0.96
C TRP A 10 -0.52 2.08 1.37
N ALA A 11 0.25 1.01 1.35
CA ALA A 11 1.67 1.08 1.72
C ALA A 11 2.43 1.97 0.76
N ALA A 12 2.11 1.86 -0.53
CA ALA A 12 2.76 2.67 -1.55
C ALA A 12 2.70 4.15 -1.22
N LEU A 13 1.48 4.67 -1.03
CA LEU A 13 1.29 6.07 -0.71
C LEU A 13 2.03 6.45 0.57
N LYS A 14 2.01 5.54 1.54
CA LYS A 14 2.68 5.77 2.82
C LYS A 14 4.18 5.99 2.61
N GLU A 15 4.77 5.19 1.72
CA GLU A 15 6.20 5.30 1.43
C GLU A 15 6.56 6.72 1.03
N LYS A 16 5.67 7.38 0.30
CA LYS A 16 5.90 8.75 -0.14
C LYS A 16 6.10 9.68 1.06
N LEU A 17 5.34 9.44 2.12
CA LEU A 17 5.44 10.25 3.33
C LEU A 17 6.07 9.46 4.47
N GLY A 18 5.99 10.02 5.68
CA GLY A 18 6.56 9.36 6.83
C GLY A 18 6.83 10.31 7.97
#